data_8KBK
#
_entry.id   8KBK
#
_cell.length_a   104.270
_cell.length_b   57.690
_cell.length_c   92.510
_cell.angle_alpha   90.00
_cell.angle_beta   121.71
_cell.angle_gamma   90.00
#
_symmetry.space_group_name_H-M   'C 1 2 1'
#
loop_
_entity.id
_entity.type
_entity.pdbx_description
1 polymer 'Inhibitor of Type II CRISPR-Cas system'
2 non-polymer (1S,3R,4R,6R,9S,11R,14R,15S,16R,18R)-4-(6-amino-9H-purin-9-yl)-9,11,15,16,18-pentahydroxy-2,5,8,10,12,17-hexaoxa-9lambda~5~,11lambda~5~-diphosphatricyclo[12.2.1.1~3,6~]octadecane-9,11-dione
3 non-polymer "9,9'-[(2R,3R,3aS,5S,7aR,9R,10R,10aS,12S,14aR)-3,5,10,12-tetrahydroxy-5,12-dioxidooctahydro-2H,7H-difuro[3,2-d:3',2'-j][1,3,7,9,2,8]tetraoxadiphosphacyclododecine-2,9-diyl]bis(2-amino-1,9-dihydro-6H-purin-6-one)"
4 water water
#
_entity_poly.entity_id   1
_entity_poly.type   'polypeptide(L)'
_entity_poly.pdbx_seq_one_letter_code
;S(MSE)TFGQALESLKRGHLVARKGWNGKG(MSE)FIF(MSE)RPEDSLPTN(MSE)IVNQVKSLPESFKRWVANNHGDS
ETDRIKFTAYLC(MSE)KAADGTIVNGWLASQTD(MSE)LANDWVIVE
;
_entity_poly.pdbx_strand_id   A,D,B,C
#
# COMPACT_ATOMS: atom_id res chain seq x y z
N SER A 1 9.74 -22.08 4.03
CA SER A 1 10.52 -21.10 3.29
C SER A 1 9.78 -20.70 2.03
N THR A 3 7.62 -17.75 -0.77
CA THR A 3 7.43 -16.44 -1.39
C THR A 3 6.14 -15.80 -0.87
N PHE A 4 5.94 -14.53 -1.23
CA PHE A 4 4.66 -13.90 -0.90
C PHE A 4 3.51 -14.62 -1.58
N GLY A 5 3.74 -15.18 -2.78
CA GLY A 5 2.66 -15.88 -3.48
C GLY A 5 2.17 -17.11 -2.74
N GLN A 6 3.10 -17.92 -2.23
CA GLN A 6 2.69 -19.05 -1.39
C GLN A 6 2.03 -18.59 -0.09
N ALA A 7 2.57 -17.56 0.57
CA ALA A 7 1.86 -17.01 1.75
C ALA A 7 0.45 -16.59 1.39
N LEU A 8 0.24 -16.00 0.22
CA LEU A 8 -1.10 -15.58 -0.16
C LEU A 8 -2.00 -16.78 -0.33
N GLU A 9 -1.52 -17.83 -1.02
CA GLU A 9 -2.31 -19.04 -1.17
C GLU A 9 -2.63 -19.65 0.20
N SER A 10 -1.71 -19.56 1.13
CA SER A 10 -1.94 -20.05 2.48
C SER A 10 -2.97 -19.20 3.21
N LEU A 11 -2.94 -17.89 2.98
CA LEU A 11 -3.93 -16.99 3.58
C LEU A 11 -5.33 -17.27 3.04
N LYS A 12 -5.43 -17.48 1.72
CA LYS A 12 -6.72 -17.72 1.10
C LYS A 12 -7.40 -18.93 1.73
N ARG A 13 -6.61 -19.90 2.18
CA ARG A 13 -7.13 -21.09 2.83
C ARG A 13 -7.25 -20.96 4.34
N GLY A 14 -7.24 -19.74 4.89
CA GLY A 14 -7.56 -19.53 6.29
C GLY A 14 -6.43 -19.67 7.29
N HIS A 15 -5.16 -19.60 6.86
CA HIS A 15 -4.02 -19.71 7.76
C HIS A 15 -3.45 -18.36 8.19
N LEU A 16 -2.55 -18.43 9.18
CA LEU A 16 -1.78 -17.32 9.72
C LEU A 16 -0.36 -17.36 9.18
N VAL A 17 0.17 -16.22 8.71
CA VAL A 17 1.53 -16.18 8.16
C VAL A 17 2.28 -14.96 8.67
N ALA A 18 3.59 -14.99 8.47
CA ALA A 18 4.48 -13.91 8.93
C ALA A 18 5.80 -13.99 8.17
N ARG A 19 6.58 -12.92 8.25
CA ARG A 19 7.93 -12.85 7.67
C ARG A 19 8.99 -12.85 8.76
N LYS A 20 10.08 -13.61 8.60
CA LYS A 20 11.16 -13.57 9.58
C LYS A 20 11.80 -12.18 9.68
N GLY A 21 11.91 -11.48 8.56
CA GLY A 21 12.59 -10.20 8.52
C GLY A 21 11.82 -8.99 9.02
N TRP A 22 10.60 -9.17 9.51
CA TRP A 22 9.87 -8.04 10.04
C TRP A 22 10.60 -7.48 11.26
N ASN A 23 10.48 -6.17 11.45
CA ASN A 23 11.08 -5.54 12.63
C ASN A 23 10.31 -5.93 13.90
N GLY A 24 8.99 -5.78 13.90
CA GLY A 24 8.22 -6.14 15.07
C GLY A 24 8.16 -7.65 15.25
N LYS A 25 8.08 -8.07 16.50
CA LYS A 25 8.14 -9.50 16.79
C LYS A 25 6.79 -9.99 17.28
N GLY A 26 6.49 -11.23 16.93
CA GLY A 26 5.23 -11.84 17.33
C GLY A 26 4.05 -11.49 16.47
N PHE A 28 1.59 -11.56 12.84
CA PHE A 28 1.16 -12.42 11.74
C PHE A 28 0.04 -11.68 11.03
N ILE A 29 -0.29 -12.18 9.83
CA ILE A 29 -1.43 -11.61 9.11
C ILE A 29 -2.40 -12.73 8.80
N PHE A 30 -3.65 -12.33 8.55
CA PHE A 30 -4.70 -13.31 8.25
C PHE A 30 -5.72 -12.68 7.31
N ARG A 32 -9.66 -11.82 6.31
CA ARG A 32 -11.03 -11.79 6.73
C ARG A 32 -11.91 -12.04 5.52
N PRO A 33 -12.91 -12.95 5.66
CA PRO A 33 -13.62 -13.29 4.44
C PRO A 33 -14.60 -12.33 3.83
N GLU A 34 -14.94 -12.59 2.59
CA GLU A 34 -15.89 -11.79 1.87
C GLU A 34 -17.27 -12.04 2.40
N ASP A 35 -18.18 -11.10 2.23
CA ASP A 35 -19.57 -11.33 2.60
C ASP A 35 -20.45 -10.41 1.80
N SER A 36 -21.68 -10.83 1.59
CA SER A 36 -22.62 -9.98 0.90
C SER A 36 -23.65 -9.62 1.90
N LEU A 37 -23.93 -8.35 2.00
CA LEU A 37 -24.83 -7.91 3.04
C LEU A 37 -26.14 -7.26 2.54
N PRO A 38 -27.33 -7.61 3.12
CA PRO A 38 -28.52 -6.91 2.64
C PRO A 38 -28.40 -5.41 2.89
N THR A 39 -28.88 -4.61 1.94
CA THR A 39 -28.71 -3.15 2.03
C THR A 39 -29.35 -2.55 3.27
N ASN A 40 -30.59 -2.94 3.59
CA ASN A 40 -31.17 -2.40 4.82
C ASN A 40 -30.49 -2.93 6.08
N ILE A 42 -27.28 -3.02 6.26
CA ILE A 42 -26.26 -1.99 6.33
C ILE A 42 -26.83 -0.71 6.92
N VAL A 43 -27.94 -0.20 6.35
CA VAL A 43 -28.44 1.10 6.78
C VAL A 43 -28.87 1.04 8.23
N ASN A 44 -29.47 -0.04 8.65
CA ASN A 44 -30.03 -0.03 9.99
C ASN A 44 -29.47 -0.87 11.11
N GLN A 45 -28.66 -1.85 10.80
CA GLN A 45 -28.16 -2.70 11.85
C GLN A 45 -26.66 -2.64 12.06
N VAL A 46 -25.92 -2.19 11.07
CA VAL A 46 -24.47 -2.26 11.21
C VAL A 46 -23.81 -1.12 11.97
N LYS A 47 -23.24 -1.44 13.11
CA LYS A 47 -22.55 -0.46 13.94
C LYS A 47 -21.27 0.11 13.37
N SER A 48 -20.52 -0.69 12.64
CA SER A 48 -19.20 -0.28 12.19
C SER A 48 -19.08 0.46 10.87
N LEU A 49 -20.16 0.99 10.36
CA LEU A 49 -20.10 1.76 9.15
C LEU A 49 -20.51 3.20 9.41
N PRO A 50 -19.83 4.14 8.77
CA PRO A 50 -20.16 5.55 8.95
C PRO A 50 -21.50 5.98 8.42
N GLU A 51 -22.11 6.97 9.04
CA GLU A 51 -23.43 7.44 8.64
C GLU A 51 -23.45 7.97 7.24
N SER A 52 -22.39 8.63 6.82
CA SER A 52 -22.31 9.14 5.47
C SER A 52 -22.50 8.04 4.46
N PHE A 53 -21.80 6.92 4.65
CA PHE A 53 -21.91 5.80 3.74
C PHE A 53 -23.30 5.19 3.77
N LYS A 54 -23.87 5.04 4.95
CA LYS A 54 -25.19 4.48 5.07
C LYS A 54 -26.19 5.35 4.34
N ARG A 55 -26.04 6.65 4.42
CA ARG A 55 -26.90 7.57 3.70
C ARG A 55 -26.72 7.43 2.21
N TRP A 56 -25.50 7.27 1.75
CA TRP A 56 -25.27 7.09 0.33
C TRP A 56 -25.93 5.83 -0.16
N VAL A 57 -25.87 4.78 0.64
CA VAL A 57 -26.47 3.53 0.24
C VAL A 57 -27.96 3.73 0.10
N ALA A 58 -28.57 4.41 1.05
CA ALA A 58 -29.99 4.60 1.01
C ALA A 58 -30.34 5.42 -0.21
N ASN A 59 -29.55 6.42 -0.48
CA ASN A 59 -29.79 7.24 -1.65
C ASN A 59 -29.62 6.51 -2.97
N ASN A 60 -28.60 5.67 -3.11
CA ASN A 60 -28.34 5.04 -4.40
C ASN A 60 -28.81 3.61 -4.60
N HIS A 61 -29.15 2.92 -3.52
CA HIS A 61 -29.59 1.55 -3.63
C HIS A 61 -30.91 1.36 -2.99
N GLY A 62 -31.12 2.00 -1.84
CA GLY A 62 -32.38 1.88 -1.15
C GLY A 62 -32.59 0.80 -0.13
N ASP A 63 -33.84 0.58 0.27
CA ASP A 63 -34.14 -0.39 1.33
C ASP A 63 -34.65 -1.76 0.91
N SER A 64 -34.50 -2.09 -0.37
CA SER A 64 -34.94 -3.38 -0.83
C SER A 64 -34.26 -4.52 -0.12
N GLU A 65 -35.04 -5.48 0.34
CA GLU A 65 -34.50 -6.67 1.00
C GLU A 65 -33.68 -7.50 0.03
N THR A 66 -34.12 -7.56 -1.21
CA THR A 66 -33.40 -8.33 -2.21
C THR A 66 -32.00 -7.82 -2.42
N ASP A 67 -31.84 -6.50 -2.44
CA ASP A 67 -30.54 -5.93 -2.73
C ASP A 67 -29.49 -6.27 -1.71
N ARG A 68 -28.31 -6.65 -2.17
CA ARG A 68 -27.21 -6.97 -1.28
C ARG A 68 -25.95 -6.29 -1.79
N ILE A 69 -25.03 -5.94 -0.88
CA ILE A 69 -23.78 -5.29 -1.27
C ILE A 69 -22.61 -6.16 -0.84
N LYS A 70 -21.62 -6.31 -1.70
CA LYS A 70 -20.50 -7.21 -1.38
C LYS A 70 -19.29 -6.55 -0.75
N PHE A 71 -18.85 -7.12 0.35
CA PHE A 71 -17.70 -6.61 1.04
C PHE A 71 -16.57 -7.56 0.71
N THR A 72 -15.48 -7.07 0.13
CA THR A 72 -14.39 -7.91 -0.33
C THR A 72 -13.62 -8.44 0.88
N ALA A 73 -13.04 -9.63 0.70
CA ALA A 73 -12.10 -10.19 1.66
C ALA A 73 -10.88 -9.29 1.72
N TYR A 74 -10.13 -9.40 2.81
CA TYR A 74 -8.96 -8.52 2.90
C TYR A 74 -8.05 -9.00 4.02
N LEU A 75 -6.84 -8.48 4.03
CA LEU A 75 -5.83 -8.94 4.98
C LEU A 75 -5.80 -8.06 6.22
N CYS A 76 -5.48 -8.68 7.35
CA CYS A 76 -5.39 -7.99 8.64
C CYS A 76 -4.13 -8.47 9.34
N LYS A 78 -2.07 -8.96 13.19
CA LYS A 78 -1.92 -8.82 14.62
C LYS A 78 -0.58 -8.13 14.82
N ALA A 79 -0.60 -6.85 15.16
CA ALA A 79 0.59 -6.02 15.18
C ALA A 79 1.40 -6.30 16.45
N ALA A 80 2.54 -5.63 16.54
CA ALA A 80 3.46 -5.89 17.65
C ALA A 80 2.84 -5.54 19.01
N ASP A 81 1.99 -4.51 19.08
CA ASP A 81 1.33 -4.15 20.34
C ASP A 81 0.02 -4.91 20.57
N GLY A 82 -0.23 -5.99 19.83
CA GLY A 82 -1.43 -6.79 20.05
C GLY A 82 -2.70 -6.21 19.49
N THR A 83 -2.65 -5.08 18.80
CA THR A 83 -3.85 -4.57 18.14
C THR A 83 -4.03 -5.25 16.78
N ILE A 84 -5.27 -5.25 16.31
CA ILE A 84 -5.61 -5.83 15.01
C ILE A 84 -5.72 -4.70 14.02
N VAL A 85 -4.80 -4.66 13.07
CA VAL A 85 -4.84 -3.68 11.99
C VAL A 85 -5.67 -4.25 10.84
N ASN A 86 -6.83 -3.64 10.59
CA ASN A 86 -7.58 -3.99 9.40
C ASN A 86 -6.88 -3.40 8.19
N GLY A 87 -6.95 -4.13 7.08
CA GLY A 87 -6.31 -3.67 5.86
C GLY A 87 -4.79 -3.67 5.86
N TRP A 88 -4.16 -4.77 6.26
CA TRP A 88 -2.72 -4.89 6.13
C TRP A 88 -2.31 -4.73 4.67
N LEU A 89 -1.25 -3.98 4.42
CA LEU A 89 -0.80 -3.77 3.06
C LEU A 89 0.62 -4.31 2.93
N ALA A 90 0.95 -4.83 1.75
CA ALA A 90 2.25 -5.46 1.53
C ALA A 90 3.25 -4.45 1.00
N SER A 91 4.34 -4.22 1.75
CA SER A 91 5.39 -3.35 1.28
C SER A 91 6.16 -4.05 0.15
N GLN A 92 7.00 -3.27 -0.55
CA GLN A 92 7.80 -3.83 -1.63
C GLN A 92 8.62 -5.00 -1.13
N THR A 93 9.20 -4.86 0.07
CA THR A 93 9.99 -5.94 0.66
C THR A 93 9.14 -7.17 0.92
N ASP A 94 7.99 -7.00 1.61
CA ASP A 94 7.09 -8.13 1.83
C ASP A 94 6.80 -8.86 0.51
N LEU A 96 8.58 -9.01 -2.42
CA LEU A 96 9.66 -9.70 -3.11
C LEU A 96 10.49 -10.59 -2.19
N ALA A 97 10.17 -10.69 -0.91
CA ALA A 97 10.93 -11.50 0.02
C ALA A 97 10.54 -12.96 -0.09
N ASN A 98 11.48 -13.85 0.32
CA ASN A 98 11.17 -15.28 0.33
C ASN A 98 11.38 -15.90 1.71
N ASP A 99 11.13 -15.15 2.77
CA ASP A 99 11.26 -15.58 4.16
C ASP A 99 9.92 -15.61 4.89
N TRP A 100 8.84 -15.96 4.18
CA TRP A 100 7.52 -16.14 4.79
C TRP A 100 7.42 -17.50 5.44
N VAL A 101 6.68 -17.57 6.53
CA VAL A 101 6.50 -18.79 7.30
C VAL A 101 5.05 -18.87 7.74
N ILE A 102 4.58 -20.10 7.89
CA ILE A 102 3.28 -20.39 8.43
C ILE A 102 3.34 -20.39 9.94
N VAL A 103 2.40 -19.67 10.56
CA VAL A 103 2.27 -19.46 12.00
C VAL A 103 0.98 -20.14 12.44
N SER B 1 -10.35 21.53 -4.20
CA SER B 1 -8.94 21.59 -4.65
C SER B 1 -7.90 21.06 -3.60
N THR B 3 -5.35 18.50 -0.99
CA THR B 3 -4.30 17.52 -0.78
C THR B 3 -4.84 16.26 -0.10
N PHE B 4 -4.02 15.20 -0.13
CA PHE B 4 -4.38 13.97 0.56
C PHE B 4 -4.48 14.17 2.06
N GLY B 5 -3.70 15.10 2.62
CA GLY B 5 -3.80 15.36 4.05
C GLY B 5 -5.15 15.92 4.44
N GLN B 6 -5.68 16.85 3.66
CA GLN B 6 -7.01 17.39 3.92
C GLN B 6 -8.06 16.32 3.73
N ALA B 7 -7.96 15.51 2.67
CA ALA B 7 -8.89 14.40 2.47
C ALA B 7 -8.89 13.46 3.65
N LEU B 8 -7.72 13.24 4.26
CA LEU B 8 -7.65 12.37 5.43
C LEU B 8 -8.34 13.01 6.62
N GLU B 9 -8.09 14.29 6.85
CA GLU B 9 -8.79 14.96 7.95
C GLU B 9 -10.32 14.85 7.77
N SER B 10 -10.78 15.06 6.54
CA SER B 10 -12.19 14.88 6.22
C SER B 10 -12.66 13.45 6.47
N LEU B 11 -11.81 12.47 6.15
CA LEU B 11 -12.19 11.07 6.37
C LEU B 11 -12.33 10.77 7.85
N LYS B 12 -11.36 11.23 8.65
CA LYS B 12 -11.43 11.01 10.09
C LYS B 12 -12.70 11.62 10.68
N ARG B 13 -13.21 12.66 10.04
CA ARG B 13 -14.47 13.27 10.47
C ARG B 13 -15.70 12.71 9.74
N GLY B 14 -15.61 11.51 9.16
CA GLY B 14 -16.79 10.83 8.69
C GLY B 14 -17.29 11.20 7.32
N HIS B 15 -16.51 11.90 6.51
CA HIS B 15 -16.95 12.24 5.16
C HIS B 15 -16.49 11.18 4.12
N LEU B 16 -17.09 11.26 2.95
CA LEU B 16 -16.74 10.47 1.78
C LEU B 16 -15.97 11.38 0.84
N VAL B 17 -14.81 10.90 0.37
CA VAL B 17 -13.94 11.68 -0.51
C VAL B 17 -13.51 10.82 -1.70
N ALA B 18 -12.94 11.48 -2.70
CA ALA B 18 -12.55 10.81 -3.93
C ALA B 18 -11.54 11.69 -4.65
N ARG B 19 -10.87 11.11 -5.63
CA ARG B 19 -9.87 11.79 -6.44
C ARG B 19 -10.42 12.01 -7.85
N LYS B 20 -10.24 13.21 -8.38
CA LYS B 20 -10.72 13.48 -9.73
C LYS B 20 -10.03 12.59 -10.76
N GLY B 21 -8.72 12.37 -10.60
CA GLY B 21 -7.87 11.66 -11.57
C GLY B 21 -7.93 10.15 -11.61
N TRP B 22 -8.79 9.52 -10.81
CA TRP B 22 -8.96 8.08 -10.83
C TRP B 22 -9.54 7.62 -12.18
N ASN B 23 -9.19 6.41 -12.58
CA ASN B 23 -9.71 5.84 -13.82
C ASN B 23 -11.14 5.42 -13.66
N GLY B 24 -11.41 4.67 -12.61
CA GLY B 24 -12.76 4.27 -12.36
C GLY B 24 -13.64 5.42 -11.96
N LYS B 25 -14.92 5.33 -12.27
CA LYS B 25 -15.81 6.42 -11.99
C LYS B 25 -16.84 6.06 -10.96
N GLY B 26 -17.22 7.03 -10.14
CA GLY B 26 -18.20 6.79 -9.10
C GLY B 26 -17.69 6.26 -7.81
N PHE B 28 -15.48 6.16 -4.15
CA PHE B 28 -15.13 7.06 -3.06
C PHE B 28 -14.53 6.23 -1.93
N ILE B 29 -13.93 6.90 -0.95
CA ILE B 29 -13.43 6.17 0.21
C ILE B 29 -14.05 6.76 1.48
N PHE B 30 -14.11 5.90 2.50
CA PHE B 30 -14.68 6.24 3.80
C PHE B 30 -13.89 5.51 4.85
N ARG B 32 -13.79 3.28 8.30
CA ARG B 32 -14.52 2.44 9.22
C ARG B 32 -13.94 2.63 10.61
N PRO B 33 -14.79 2.90 11.61
CA PRO B 33 -14.32 3.28 12.93
C PRO B 33 -13.55 2.16 13.62
N GLU B 34 -12.72 2.57 14.56
CA GLU B 34 -12.07 1.65 15.47
C GLU B 34 -13.04 1.21 16.54
N ASP B 35 -12.74 0.09 17.16
CA ASP B 35 -13.54 -0.43 18.26
C ASP B 35 -12.68 -1.34 19.09
N SER B 36 -13.01 -1.47 20.38
CA SER B 36 -12.33 -2.41 21.27
C SER B 36 -13.32 -3.51 21.60
N LEU B 37 -12.93 -4.77 21.34
CA LEU B 37 -13.87 -5.85 21.54
C LEU B 37 -13.36 -6.87 22.56
N PRO B 38 -14.20 -7.31 23.50
CA PRO B 38 -13.76 -8.33 24.45
C PRO B 38 -13.39 -9.64 23.77
N THR B 39 -12.43 -10.33 24.36
CA THR B 39 -11.93 -11.57 23.79
C THR B 39 -13.04 -12.60 23.59
N ASN B 40 -13.89 -12.77 24.57
CA ASN B 40 -14.95 -13.75 24.47
C ASN B 40 -15.84 -13.51 23.28
N ILE B 42 -14.87 -12.18 20.46
CA ILE B 42 -14.10 -12.54 19.29
C ILE B 42 -14.14 -14.02 19.08
N VAL B 43 -13.92 -14.78 20.13
CA VAL B 43 -13.84 -16.24 20.00
C VAL B 43 -15.21 -16.86 19.72
N ASN B 44 -16.27 -16.33 20.33
CA ASN B 44 -17.55 -17.02 20.28
C ASN B 44 -18.61 -16.33 19.46
N GLN B 45 -18.46 -15.06 19.17
CA GLN B 45 -19.60 -14.34 18.64
C GLN B 45 -19.36 -13.77 17.25
N VAL B 46 -18.13 -13.37 16.94
CA VAL B 46 -17.86 -12.68 15.68
C VAL B 46 -17.74 -13.74 14.61
N LYS B 47 -18.52 -13.63 13.53
CA LYS B 47 -18.33 -14.63 12.50
C LYS B 47 -17.34 -14.24 11.41
N SER B 48 -17.04 -12.95 11.22
CA SER B 48 -16.22 -12.51 10.11
C SER B 48 -14.73 -12.57 10.41
N LEU B 49 -14.32 -13.48 11.29
CA LEU B 49 -12.93 -13.75 11.62
C LEU B 49 -12.60 -15.21 11.37
N PRO B 50 -11.44 -15.51 10.78
CA PRO B 50 -11.10 -16.90 10.48
C PRO B 50 -10.87 -17.71 11.74
N GLU B 51 -11.04 -19.03 11.62
CA GLU B 51 -10.99 -19.87 12.82
C GLU B 51 -9.61 -19.89 13.45
N SER B 52 -8.56 -19.80 12.62
CA SER B 52 -7.19 -19.77 13.15
C SER B 52 -6.97 -18.53 14.01
N PHE B 53 -7.56 -17.39 13.62
CA PHE B 53 -7.41 -16.22 14.48
C PHE B 53 -8.16 -16.37 15.80
N LYS B 54 -9.37 -16.88 15.76
CA LYS B 54 -10.15 -17.04 16.96
C LYS B 54 -9.45 -17.98 17.90
N ARG B 55 -8.85 -19.03 17.37
CA ARG B 55 -8.09 -19.92 18.21
C ARG B 55 -6.87 -19.28 18.81
N TRP B 56 -6.18 -18.46 18.04
CA TRP B 56 -5.04 -17.77 18.58
C TRP B 56 -5.47 -16.92 19.72
N VAL B 57 -6.56 -16.20 19.56
CA VAL B 57 -7.06 -15.35 20.64
C VAL B 57 -7.42 -16.20 21.86
N ALA B 58 -8.06 -17.35 21.64
CA ALA B 58 -8.40 -18.21 22.77
C ALA B 58 -7.14 -18.73 23.47
N ASN B 59 -6.13 -19.10 22.73
CA ASN B 59 -4.92 -19.62 23.34
C ASN B 59 -4.14 -18.53 24.03
N ASN B 60 -4.18 -17.32 23.50
CA ASN B 60 -3.34 -16.28 24.06
C ASN B 60 -3.98 -15.28 25.01
N HIS B 61 -5.14 -14.75 24.66
CA HIS B 61 -5.84 -13.84 25.54
C HIS B 61 -6.68 -14.55 26.54
N GLY B 62 -6.84 -15.86 26.40
CA GLY B 62 -7.55 -16.64 27.39
C GLY B 62 -9.06 -16.72 27.37
N ASP B 63 -9.65 -17.28 28.44
CA ASP B 63 -11.13 -17.41 28.54
C ASP B 63 -11.77 -16.26 29.29
N SER B 64 -10.97 -15.28 29.70
CA SER B 64 -11.48 -14.15 30.46
C SER B 64 -12.39 -13.20 29.75
N GLU B 65 -13.31 -12.58 30.48
CA GLU B 65 -14.15 -11.54 29.89
C GLU B 65 -13.43 -10.24 30.04
N THR B 66 -12.41 -10.24 30.89
CA THR B 66 -11.64 -9.03 31.13
C THR B 66 -10.87 -8.56 29.92
N ASP B 67 -10.27 -9.48 29.19
CA ASP B 67 -9.44 -9.09 28.06
C ASP B 67 -10.17 -8.50 26.90
N ARG B 68 -9.62 -7.44 26.32
CA ARG B 68 -10.21 -6.83 25.14
C ARG B 68 -9.11 -6.59 24.11
N ILE B 69 -9.47 -6.59 22.83
CA ILE B 69 -8.50 -6.37 21.77
C ILE B 69 -8.97 -5.22 20.92
N LYS B 70 -8.07 -4.33 20.56
CA LYS B 70 -8.43 -3.15 19.81
C LYS B 70 -8.32 -3.44 18.32
N PHE B 71 -9.38 -3.12 17.59
CA PHE B 71 -9.45 -3.25 16.14
C PHE B 71 -9.39 -1.84 15.59
N THR B 72 -8.34 -1.55 14.82
CA THR B 72 -8.08 -0.18 14.40
C THR B 72 -9.05 0.26 13.32
N ALA B 73 -9.28 1.56 13.26
CA ALA B 73 -9.98 2.17 12.13
C ALA B 73 -9.21 1.96 10.84
N TYR B 74 -9.90 2.07 9.70
CA TYR B 74 -9.19 1.85 8.44
C TYR B 74 -10.05 2.35 7.28
N LEU B 75 -9.41 2.49 6.11
CA LEU B 75 -10.05 3.07 4.94
C LEU B 75 -10.65 1.99 4.03
N CYS B 76 -11.77 2.31 3.40
CA CYS B 76 -12.47 1.37 2.54
C CYS B 76 -12.94 2.08 1.32
N LYS B 78 -15.54 2.35 -2.16
CA LYS B 78 -16.68 1.89 -2.89
C LYS B 78 -16.14 1.83 -4.26
N ALA B 79 -16.07 0.65 -4.84
CA ALA B 79 -15.47 0.48 -6.13
C ALA B 79 -16.34 0.78 -7.32
N ALA B 80 -15.73 0.82 -8.49
CA ALA B 80 -16.47 1.08 -9.70
C ALA B 80 -17.59 0.08 -9.94
N ASP B 81 -17.43 -1.16 -9.49
CA ASP B 81 -18.53 -2.10 -9.62
C ASP B 81 -19.49 -2.07 -8.44
N GLY B 82 -19.38 -1.10 -7.55
CA GLY B 82 -20.29 -1.03 -6.43
C GLY B 82 -19.97 -1.97 -5.30
N THR B 83 -18.88 -2.73 -5.37
CA THR B 83 -18.48 -3.54 -4.24
C THR B 83 -17.70 -2.67 -3.26
N ILE B 84 -17.74 -3.05 -1.99
CA ILE B 84 -17.03 -2.33 -0.92
C ILE B 84 -15.70 -3.02 -0.70
N VAL B 85 -14.61 -2.37 -1.10
CA VAL B 85 -13.26 -2.88 -0.89
C VAL B 85 -12.79 -2.47 0.50
N ASN B 86 -12.63 -3.45 1.37
CA ASN B 86 -12.02 -3.24 2.68
C ASN B 86 -10.52 -3.03 2.51
N GLY B 87 -9.95 -2.19 3.36
CA GLY B 87 -8.53 -1.92 3.34
C GLY B 87 -8.01 -1.24 2.09
N TRP B 88 -8.64 -0.13 1.68
CA TRP B 88 -8.18 0.65 0.54
C TRP B 88 -6.76 1.18 0.71
N LEU B 89 -6.02 1.25 -0.40
CA LEU B 89 -4.60 1.60 -0.46
C LEU B 89 -4.35 2.96 -1.10
N ALA B 90 -3.42 3.72 -0.53
CA ALA B 90 -3.08 5.04 -1.06
C ALA B 90 -1.88 4.87 -1.98
N SER B 91 -2.09 5.04 -3.28
CA SER B 91 -0.95 4.90 -4.16
C SER B 91 -0.06 6.11 -4.02
N GLN B 92 1.14 6.01 -4.61
CA GLN B 92 2.04 7.15 -4.62
C GLN B 92 1.34 8.37 -5.23
N THR B 93 0.54 8.12 -6.27
CA THR B 93 -0.23 9.18 -6.92
C THR B 93 -1.29 9.72 -5.98
N ASP B 94 -2.04 8.85 -5.32
CA ASP B 94 -3.02 9.32 -4.34
C ASP B 94 -2.38 10.24 -3.33
N LEU B 96 0.38 11.98 -3.26
CA LEU B 96 0.99 13.24 -3.67
C LEU B 96 0.05 14.13 -4.49
N ALA B 97 -1.18 13.67 -4.76
CA ALA B 97 -2.10 14.45 -5.59
C ALA B 97 -2.75 15.57 -4.77
N ASN B 98 -3.20 16.59 -5.48
CA ASN B 98 -3.99 17.68 -4.90
C ASN B 98 -5.31 17.84 -5.66
N ASP B 99 -5.88 16.74 -6.17
CA ASP B 99 -7.15 16.76 -6.87
C ASP B 99 -8.22 15.98 -6.12
N TRP B 100 -8.14 15.99 -4.79
CA TRP B 100 -9.15 15.34 -3.98
C TRP B 100 -10.37 16.26 -3.87
N VAL B 101 -11.55 15.64 -3.71
CA VAL B 101 -12.81 16.36 -3.61
C VAL B 101 -13.67 15.67 -2.56
N ILE B 102 -14.52 16.44 -1.88
CA ILE B 102 -15.47 15.83 -0.96
C ILE B 102 -16.71 15.46 -1.77
N VAL B 103 -17.19 14.23 -1.61
CA VAL B 103 -18.34 13.76 -2.36
C VAL B 103 -19.55 13.62 -1.48
N GLU B 104 -19.36 13.24 -0.22
CA GLU B 104 -20.49 13.42 0.69
C GLU B 104 -20.00 13.54 2.13
N SER C 1 -6.12 -18.81 -15.84
CA SER C 1 -5.33 -17.63 -15.59
C SER C 1 -4.23 -17.81 -14.53
N THR C 3 -2.45 -16.16 -10.58
CA THR C 3 -2.59 -15.42 -9.33
C THR C 3 -1.53 -14.34 -9.26
N PHE C 4 -1.66 -13.48 -8.25
CA PHE C 4 -0.66 -12.45 -8.01
C PHE C 4 0.70 -13.07 -7.66
N GLY C 5 0.70 -14.23 -7.00
CA GLY C 5 1.96 -14.86 -6.69
C GLY C 5 2.70 -15.31 -7.94
N GLN C 6 1.99 -15.93 -8.88
CA GLN C 6 2.61 -16.24 -10.17
C GLN C 6 3.04 -14.97 -10.89
N ALA C 7 2.22 -13.93 -10.84
CA ALA C 7 2.64 -12.67 -11.43
C ALA C 7 3.92 -12.15 -10.78
N LEU C 8 4.05 -12.32 -9.47
CA LEU C 8 5.25 -11.85 -8.77
C LEU C 8 6.47 -12.64 -9.19
N GLU C 9 6.34 -13.96 -9.23
CA GLU C 9 7.45 -14.78 -9.70
C GLU C 9 7.80 -14.42 -11.14
N SER C 10 6.78 -14.17 -11.96
CA SER C 10 7.00 -13.74 -13.33
C SER C 10 7.68 -12.37 -13.41
N LEU C 11 7.40 -11.48 -12.46
CA LEU C 11 8.00 -10.16 -12.43
C LEU C 11 9.43 -10.26 -12.01
N LYS C 12 9.74 -11.21 -11.14
CA LYS C 12 11.11 -11.43 -10.68
C LYS C 12 11.98 -11.87 -11.83
N ARG C 13 11.38 -12.50 -12.83
CA ARG C 13 12.10 -12.94 -14.01
C ARG C 13 12.07 -11.91 -15.10
N GLY C 14 11.61 -10.71 -14.79
CA GLY C 14 11.66 -9.62 -15.75
C GLY C 14 10.54 -9.38 -16.71
N HIS C 15 9.45 -10.10 -16.59
CA HIS C 15 8.31 -9.87 -17.46
C HIS C 15 7.34 -8.79 -17.08
N LEU C 16 6.54 -8.32 -18.03
CA LEU C 16 5.53 -7.34 -17.72
C LEU C 16 4.25 -8.10 -17.54
N VAL C 17 3.42 -7.74 -16.57
CA VAL C 17 2.15 -8.38 -16.27
C VAL C 17 1.10 -7.31 -16.00
N ALA C 18 -0.16 -7.75 -15.98
CA ALA C 18 -1.29 -6.85 -15.79
C ALA C 18 -2.50 -7.68 -15.36
N ARG C 19 -3.52 -6.99 -14.83
CA ARG C 19 -4.76 -7.64 -14.38
C ARG C 19 -5.89 -7.33 -15.34
N LYS C 20 -6.68 -8.34 -15.71
CA LYS C 20 -7.82 -8.02 -16.57
C LYS C 20 -8.77 -7.04 -15.94
N GLY C 21 -9.03 -7.21 -14.64
CA GLY C 21 -10.09 -6.49 -13.97
C GLY C 21 -9.80 -5.04 -13.62
N TRP C 22 -8.64 -4.53 -14.02
CA TRP C 22 -8.28 -3.16 -13.73
C TRP C 22 -9.23 -2.20 -14.42
N ASN C 23 -9.47 -1.04 -13.77
CA ASN C 23 -10.36 -0.02 -14.32
C ASN C 23 -9.74 0.63 -15.54
N GLY C 24 -8.52 1.15 -15.41
CA GLY C 24 -7.81 1.68 -16.56
C GLY C 24 -7.30 0.57 -17.48
N LYS C 25 -7.18 0.90 -18.76
CA LYS C 25 -6.81 -0.08 -19.78
C LYS C 25 -5.46 0.24 -20.39
N GLY C 26 -4.74 -0.82 -20.78
CA GLY C 26 -3.44 -0.63 -21.38
C GLY C 26 -2.32 -0.47 -20.38
N PHE C 28 0.45 -1.85 -17.17
CA PHE C 28 1.14 -3.05 -16.72
C PHE C 28 2.12 -2.69 -15.63
N ILE C 29 2.61 -3.71 -14.91
CA ILE C 29 3.63 -3.47 -13.91
C ILE C 29 4.89 -4.25 -14.28
N PHE C 30 6.03 -3.76 -13.79
CA PHE C 30 7.32 -4.39 -14.01
C PHE C 30 8.17 -4.08 -12.80
N ARG C 32 11.76 -2.78 -11.15
CA ARG C 32 13.06 -2.14 -11.29
C ARG C 32 14.06 -2.89 -10.43
N PRO C 33 15.18 -3.33 -11.04
CA PRO C 33 16.10 -4.23 -10.34
C PRO C 33 16.80 -3.52 -9.19
N GLU C 34 17.28 -4.34 -8.28
CA GLU C 34 18.06 -3.90 -7.14
C GLU C 34 19.47 -3.47 -7.56
N ASP C 35 20.10 -2.64 -6.74
CA ASP C 35 21.46 -2.17 -7.02
C ASP C 35 22.11 -1.66 -5.74
N SER C 36 23.42 -1.75 -5.68
CA SER C 36 24.19 -1.19 -4.57
C SER C 36 25.01 -0.02 -5.06
N LEU C 37 24.84 1.14 -4.42
CA LEU C 37 25.44 2.36 -4.91
C LEU C 37 26.44 2.92 -3.91
N PRO C 38 27.60 3.37 -4.39
CA PRO C 38 28.60 3.95 -3.49
C PRO C 38 28.13 5.25 -2.87
N THR C 39 28.55 5.47 -1.62
CA THR C 39 28.18 6.71 -0.95
C THR C 39 28.68 7.93 -1.70
N ASN C 40 29.87 7.86 -2.31
CA ASN C 40 30.33 8.96 -3.16
C ASN C 40 29.34 9.26 -4.26
N ILE C 42 26.27 8.56 -4.25
CA ILE C 42 25.00 9.04 -3.69
C ILE C 42 25.09 10.54 -3.39
N VAL C 43 26.13 10.96 -2.66
CA VAL C 43 26.22 12.36 -2.26
C VAL C 43 26.48 13.26 -3.46
N ASN C 44 27.26 12.79 -4.44
CA ASN C 44 27.76 13.66 -5.49
C ASN C 44 27.25 13.35 -6.90
N GLN C 45 26.64 12.18 -7.16
CA GLN C 45 26.35 11.78 -8.53
C GLN C 45 24.87 11.88 -8.87
N VAL C 46 24.01 11.53 -7.91
CA VAL C 46 22.61 11.25 -8.23
C VAL C 46 21.79 12.54 -8.34
N LYS C 47 21.07 12.66 -9.46
CA LYS C 47 20.14 13.77 -9.59
C LYS C 47 18.86 13.51 -8.81
N SER C 48 18.47 12.25 -8.66
CA SER C 48 17.15 11.90 -8.15
C SER C 48 17.14 11.72 -6.63
N LEU C 49 18.03 12.35 -5.92
CA LEU C 49 17.98 12.23 -4.50
C LEU C 49 17.88 13.61 -3.94
N PRO C 50 17.04 13.78 -2.94
CA PRO C 50 16.93 15.08 -2.32
C PRO C 50 18.17 15.41 -1.56
N GLU C 51 18.39 16.68 -1.34
CA GLU C 51 19.56 17.12 -0.61
C GLU C 51 19.56 16.59 0.78
N SER C 52 18.39 16.52 1.40
CA SER C 52 18.30 16.10 2.78
C SER C 52 18.84 14.70 2.92
N PHE C 53 18.56 13.86 1.94
CA PHE C 53 19.11 12.52 1.97
C PHE C 53 20.61 12.59 1.75
N LYS C 54 21.06 13.29 0.72
CA LYS C 54 22.50 13.36 0.44
C LYS C 54 23.28 13.85 1.67
N ARG C 55 22.75 14.84 2.36
CA ARG C 55 23.33 15.34 3.60
C ARG C 55 23.28 14.29 4.70
N TRP C 56 22.16 13.59 4.84
CA TRP C 56 22.12 12.54 5.84
C TRP C 56 23.18 11.48 5.56
N VAL C 57 23.31 11.07 4.30
CA VAL C 57 24.32 10.08 3.93
C VAL C 57 25.72 10.61 4.18
N ALA C 58 25.97 11.88 3.87
CA ALA C 58 27.30 12.44 4.10
C ALA C 58 27.63 12.44 5.59
N ASN C 59 26.72 12.94 6.41
CA ASN C 59 26.97 13.03 7.85
C ASN C 59 27.06 11.68 8.52
N ASN C 60 26.72 10.63 7.80
CA ASN C 60 26.72 9.30 8.39
C ASN C 60 27.78 8.41 7.81
N HIS C 61 27.53 7.91 6.61
CA HIS C 61 28.45 7.01 5.95
C HIS C 61 29.78 7.59 5.61
N GLY C 62 29.84 8.86 5.23
CA GLY C 62 31.14 9.46 4.99
C GLY C 62 31.72 9.30 3.61
N ASP C 63 33.02 9.53 3.46
CA ASP C 63 33.67 9.51 2.14
C ASP C 63 34.21 8.20 1.63
N SER C 64 34.09 7.14 2.39
CA SER C 64 34.71 5.91 1.96
C SER C 64 34.15 5.48 0.63
N GLU C 65 35.04 5.23 -0.31
CA GLU C 65 34.62 4.78 -1.62
C GLU C 65 34.00 3.41 -1.52
N THR C 66 34.55 2.58 -0.65
CA THR C 66 34.02 1.23 -0.45
C THR C 66 32.59 1.19 0.07
N ASP C 67 32.21 2.13 0.92
CA ASP C 67 30.88 2.10 1.49
C ASP C 67 29.80 2.17 0.45
N ARG C 68 28.88 1.22 0.50
CA ARG C 68 27.77 1.19 -0.43
C ARG C 68 26.45 1.09 0.30
N ILE C 69 25.38 1.60 -0.31
CA ILE C 69 24.07 1.50 0.28
C ILE C 69 23.24 0.78 -0.74
N LYS C 70 22.49 -0.23 -0.29
CA LYS C 70 21.63 -0.94 -1.20
C LYS C 70 20.33 -0.24 -1.46
N PHE C 71 19.97 -0.12 -2.72
CA PHE C 71 18.73 0.49 -3.10
C PHE C 71 17.99 -0.72 -3.58
N THR C 72 16.81 -0.94 -3.04
CA THR C 72 16.12 -2.17 -3.34
C THR C 72 15.31 -2.27 -4.59
N ALA C 73 15.02 -3.50 -5.00
CA ALA C 73 14.15 -3.69 -6.15
C ALA C 73 12.73 -3.22 -5.80
N TYR C 74 11.96 -2.88 -6.82
CA TYR C 74 10.61 -2.43 -6.50
C TYR C 74 9.73 -2.39 -7.74
N LEU C 75 8.42 -2.33 -7.53
CA LEU C 75 7.51 -2.47 -8.66
C LEU C 75 7.12 -1.08 -9.19
N CYS C 76 6.90 -1.01 -10.51
CA CYS C 76 6.56 0.21 -11.23
C CYS C 76 5.43 -0.10 -12.19
N LYS C 78 3.30 1.19 -15.78
CA LYS C 78 2.94 2.00 -16.93
C LYS C 78 1.43 2.19 -16.86
N ALA C 79 1.04 3.43 -16.48
CA ALA C 79 -0.32 3.82 -16.15
C ALA C 79 -1.12 4.14 -17.42
N ALA C 80 -2.42 4.39 -17.22
CA ALA C 80 -3.32 4.54 -18.36
C ALA C 80 -2.96 5.77 -19.18
N ASP C 81 -2.52 6.84 -18.54
CA ASP C 81 -2.10 8.02 -19.27
C ASP C 81 -0.64 7.94 -19.69
N GLY C 82 -0.04 6.76 -19.59
CA GLY C 82 1.32 6.59 -20.09
C GLY C 82 2.42 7.11 -19.20
N THR C 83 2.11 7.56 -17.99
CA THR C 83 3.17 7.92 -17.07
C THR C 83 3.70 6.67 -16.37
N ILE C 84 4.95 6.74 -15.92
CA ILE C 84 5.57 5.64 -15.19
C ILE C 84 5.43 5.95 -13.70
N VAL C 85 4.59 5.19 -13.00
CA VAL C 85 4.43 5.34 -11.57
C VAL C 85 5.48 4.49 -10.88
N ASN C 86 6.46 5.15 -10.27
CA ASN C 86 7.41 4.44 -9.44
C ASN C 86 6.74 3.99 -8.16
N GLY C 87 7.15 2.82 -7.67
CA GLY C 87 6.61 2.28 -6.44
C GLY C 87 5.15 1.89 -6.47
N TRP C 88 4.74 1.16 -7.51
CA TRP C 88 3.38 0.64 -7.57
C TRP C 88 3.06 -0.22 -6.36
N LEU C 89 1.86 -0.06 -5.82
CA LEU C 89 1.50 -0.83 -4.64
C LEU C 89 0.28 -1.70 -4.95
N ALA C 90 0.23 -2.88 -4.33
CA ALA C 90 -0.81 -3.85 -4.62
C ALA C 90 -2.00 -3.67 -3.70
N SER C 91 -3.17 -3.40 -4.28
CA SER C 91 -4.40 -3.33 -3.51
C SER C 91 -4.82 -4.73 -3.08
N GLN C 92 -5.72 -4.78 -2.10
CA GLN C 92 -6.24 -6.05 -1.61
C GLN C 92 -6.86 -6.85 -2.74
N THR C 93 -7.59 -6.17 -3.61
CA THR C 93 -8.23 -6.85 -4.74
C THR C 93 -7.20 -7.50 -5.63
N ASP C 94 -6.13 -6.75 -5.97
CA ASP C 94 -5.01 -7.26 -6.76
C ASP C 94 -4.41 -8.51 -6.16
N LEU C 96 -5.64 -10.71 -4.03
CA LEU C 96 -6.50 -11.87 -3.89
C LEU C 96 -7.06 -12.34 -5.23
N ALA C 97 -6.77 -11.63 -6.32
CA ALA C 97 -7.33 -11.93 -7.63
C ALA C 97 -6.56 -13.06 -8.31
N ASN C 98 -7.24 -13.72 -9.25
CA ASN C 98 -6.58 -14.71 -10.09
C ASN C 98 -6.76 -14.38 -11.57
N ASP C 99 -6.83 -13.09 -11.91
CA ASP C 99 -7.00 -12.64 -13.29
C ASP C 99 -5.77 -11.88 -13.82
N TRP C 100 -4.59 -12.31 -13.40
CA TRP C 100 -3.32 -11.79 -13.90
C TRP C 100 -2.93 -12.44 -15.24
N VAL C 101 -2.22 -11.68 -16.09
CA VAL C 101 -1.80 -12.10 -17.42
C VAL C 101 -0.38 -11.56 -17.67
N ILE C 102 0.40 -12.30 -18.45
CA ILE C 102 1.73 -11.84 -18.86
C ILE C 102 1.56 -10.91 -20.05
N VAL C 103 2.24 -9.77 -19.99
CA VAL C 103 2.13 -8.74 -21.03
C VAL C 103 3.49 -8.58 -21.69
N SER D 1 4.63 16.26 16.83
CA SER D 1 3.17 16.23 16.83
C SER D 1 2.58 16.61 15.46
N THR D 3 0.26 15.16 11.82
CA THR D 3 -0.52 14.16 11.12
C THR D 3 0.23 13.69 9.88
N PHE D 4 -0.32 12.66 9.24
CA PHE D 4 0.23 12.24 7.97
C PHE D 4 0.11 13.33 6.91
N GLY D 5 -0.96 14.12 6.92
CA GLY D 5 -1.07 15.19 5.92
C GLY D 5 0.01 16.26 6.05
N GLN D 6 0.29 16.66 7.28
CA GLN D 6 1.38 17.59 7.52
C GLN D 6 2.73 16.96 7.17
N ALA D 7 2.92 15.68 7.52
CA ALA D 7 4.14 14.98 7.14
C ALA D 7 4.31 14.92 5.62
N LEU D 8 3.21 14.71 4.87
CA LEU D 8 3.33 14.68 3.41
C LEU D 8 3.73 16.03 2.88
N GLU D 9 3.14 17.10 3.42
CA GLU D 9 3.56 18.44 3.02
C GLU D 9 5.04 18.68 3.31
N SER D 10 5.53 18.22 4.46
CA SER D 10 6.97 18.36 4.72
C SER D 10 7.79 17.57 3.71
N LEU D 11 7.31 16.39 3.33
CA LEU D 11 8.02 15.58 2.35
C LEU D 11 8.10 16.28 1.00
N LYS D 12 6.98 16.88 0.56
CA LYS D 12 6.99 17.54 -0.74
C LYS D 12 7.99 18.68 -0.79
N ARG D 13 8.25 19.29 0.36
CA ARG D 13 9.25 20.35 0.49
C ARG D 13 10.63 19.80 0.88
N GLY D 14 10.91 18.52 0.60
CA GLY D 14 12.26 18.03 0.66
C GLY D 14 12.78 17.63 2.03
N HIS D 15 11.89 17.44 3.02
CA HIS D 15 12.35 17.02 4.33
C HIS D 15 12.31 15.49 4.48
N LEU D 16 12.90 15.02 5.57
CA LEU D 16 12.80 13.65 6.04
C LEU D 16 11.84 13.60 7.22
N VAL D 17 10.96 12.59 7.25
CA VAL D 17 10.03 12.45 8.35
C VAL D 17 9.98 11.00 8.85
N ALA D 18 9.40 10.83 10.02
CA ALA D 18 9.34 9.53 10.65
C ALA D 18 8.21 9.52 11.67
N ARG D 19 7.80 8.33 12.06
CA ARG D 19 6.79 8.14 13.09
C ARG D 19 7.48 7.64 14.33
N LYS D 20 7.17 8.21 15.50
CA LYS D 20 7.74 7.69 16.73
C LYS D 20 7.31 6.25 16.97
N GLY D 21 6.08 5.92 16.59
CA GLY D 21 5.52 4.62 16.90
C GLY D 21 5.96 3.47 16.03
N TRP D 22 6.86 3.70 15.08
CA TRP D 22 7.36 2.61 14.24
C TRP D 22 8.12 1.62 15.09
N ASN D 23 8.10 0.36 14.67
CA ASN D 23 8.86 -0.67 15.39
C ASN D 23 10.36 -0.50 15.18
N GLY D 24 10.80 -0.43 13.92
CA GLY D 24 12.21 -0.21 13.66
C GLY D 24 12.64 1.18 14.04
N LYS D 25 13.90 1.31 14.43
CA LYS D 25 14.40 2.58 14.96
C LYS D 25 15.45 3.16 14.02
N GLY D 26 15.46 4.49 13.94
CA GLY D 26 16.39 5.15 13.05
C GLY D 26 15.93 5.23 11.61
N PHE D 28 13.50 6.60 8.36
CA PHE D 28 12.81 7.81 7.94
C PHE D 28 12.41 7.62 6.48
N ILE D 29 11.56 8.53 6.01
CA ILE D 29 11.14 8.53 4.62
C ILE D 29 11.50 9.88 4.00
N PHE D 30 11.66 9.86 2.69
CA PHE D 30 11.97 11.06 1.94
C PHE D 30 11.36 10.90 0.57
N ARG D 32 11.61 11.17 -3.53
CA ARG D 32 12.42 11.25 -4.73
C ARG D 32 11.65 12.01 -5.80
N PRO D 33 12.28 13.04 -6.36
CA PRO D 33 11.60 13.95 -7.28
C PRO D 33 11.19 13.28 -8.59
N GLU D 34 10.21 13.91 -9.23
CA GLU D 34 9.73 13.54 -10.56
C GLU D 34 10.73 13.98 -11.64
N ASP D 35 10.66 13.33 -12.81
CA ASP D 35 11.51 13.76 -13.91
C ASP D 35 10.94 13.33 -15.26
N SER D 36 11.21 14.10 -16.29
CA SER D 36 10.77 13.72 -17.62
C SER D 36 12.00 13.30 -18.35
N LEU D 37 11.98 12.09 -18.88
CA LEU D 37 13.17 11.55 -19.48
C LEU D 37 12.98 11.26 -20.95
N PRO D 38 14.02 11.52 -21.75
CA PRO D 38 13.94 11.25 -23.18
C PRO D 38 13.79 9.80 -23.51
N THR D 39 13.02 9.49 -24.54
CA THR D 39 12.76 8.13 -24.89
C THR D 39 14.07 7.41 -25.24
N ASN D 40 14.96 8.10 -25.93
CA ASN D 40 16.23 7.51 -26.27
C ASN D 40 17.05 7.12 -25.07
N ILE D 42 16.07 6.29 -22.13
CA ILE D 42 15.52 5.14 -21.46
C ILE D 42 15.87 3.89 -22.19
N VAL D 43 15.71 3.87 -23.50
CA VAL D 43 15.92 2.64 -24.24
C VAL D 43 17.39 2.32 -24.36
N ASN D 44 18.18 3.32 -24.63
CA ASN D 44 19.58 3.04 -24.85
C ASN D 44 20.52 3.20 -23.69
N GLN D 45 20.25 4.16 -22.82
CA GLN D 45 21.21 4.42 -21.76
C GLN D 45 20.81 4.26 -20.31
N VAL D 46 19.61 3.83 -19.99
CA VAL D 46 19.31 3.75 -18.57
C VAL D 46 19.56 2.37 -18.01
N LYS D 47 20.53 2.26 -17.12
CA LYS D 47 20.89 0.97 -16.53
C LYS D 47 19.81 0.35 -15.67
N SER D 48 19.03 1.15 -14.95
CA SER D 48 18.08 0.63 -13.99
C SER D 48 16.71 0.20 -14.46
N LEU D 49 16.49 0.07 -15.74
CA LEU D 49 15.21 -0.40 -16.24
C LEU D 49 15.31 -1.75 -16.91
N PRO D 50 14.30 -2.60 -16.71
CA PRO D 50 14.30 -3.91 -17.35
C PRO D 50 14.07 -3.88 -18.85
N GLU D 51 14.58 -4.89 -19.55
CA GLU D 51 14.48 -4.95 -20.98
C GLU D 51 13.08 -5.05 -21.50
N SER D 52 12.24 -5.82 -20.84
CA SER D 52 10.86 -5.88 -21.24
C SER D 52 10.30 -4.47 -21.37
N PHE D 53 10.55 -3.62 -20.38
CA PHE D 53 10.15 -2.20 -20.46
C PHE D 53 10.84 -1.47 -21.62
N LYS D 54 12.17 -1.60 -21.75
CA LYS D 54 12.85 -0.91 -22.86
C LYS D 54 12.29 -1.34 -24.21
N ARG D 55 11.98 -2.62 -24.34
CA ARG D 55 11.37 -3.11 -25.58
C ARG D 55 9.99 -2.51 -25.80
N TRP D 56 9.18 -2.43 -24.74
CA TRP D 56 7.85 -1.83 -24.90
C TRP D 56 7.95 -0.37 -25.33
N VAL D 57 8.91 0.35 -24.79
CA VAL D 57 9.01 1.77 -25.10
C VAL D 57 9.39 1.90 -26.56
N ALA D 58 10.31 1.07 -27.02
CA ALA D 58 10.76 1.17 -28.39
C ALA D 58 9.67 0.95 -29.37
N ASN D 59 8.85 -0.06 -29.12
CA ASN D 59 7.73 -0.28 -29.99
C ASN D 59 6.74 0.85 -29.94
N ASN D 60 6.41 1.30 -28.75
CA ASN D 60 5.45 2.37 -28.58
C ASN D 60 5.87 3.77 -29.00
N HIS D 61 7.09 4.15 -28.68
CA HIS D 61 7.61 5.45 -29.07
C HIS D 61 8.96 5.32 -29.71
N GLY D 62 9.12 5.83 -30.92
CA GLY D 62 10.43 5.84 -31.55
C GLY D 62 11.25 6.95 -30.92
N ASP D 63 12.56 6.87 -30.97
CA ASP D 63 13.36 7.87 -30.28
C ASP D 63 13.58 9.06 -31.16
N SER D 64 13.04 10.20 -30.79
CA SER D 64 13.25 11.42 -31.57
C SER D 64 14.02 12.45 -30.79
N GLU D 65 14.27 12.18 -29.51
CA GLU D 65 15.01 13.08 -28.61
C GLU D 65 14.11 14.21 -28.14
N THR D 66 12.86 14.22 -28.60
CA THR D 66 11.92 15.22 -28.16
C THR D 66 10.84 14.49 -27.40
N ASP D 67 10.70 13.21 -27.67
CA ASP D 67 9.70 12.41 -27.01
C ASP D 67 10.18 12.13 -25.61
N ARG D 68 9.39 12.52 -24.62
CA ARG D 68 9.82 12.34 -23.26
C ARG D 68 8.78 11.58 -22.45
N ILE D 69 9.24 10.75 -21.52
CA ILE D 69 8.34 9.98 -20.69
C ILE D 69 8.48 10.44 -19.25
N LYS D 70 7.36 10.62 -18.56
CA LYS D 70 7.42 11.11 -17.20
C LYS D 70 7.48 10.04 -16.14
N PHE D 71 8.44 10.17 -15.24
CA PHE D 71 8.57 9.23 -14.15
C PHE D 71 8.15 9.99 -12.93
N THR D 72 7.18 9.49 -12.20
CA THR D 72 6.63 10.21 -11.08
C THR D 72 7.43 10.28 -9.82
N ALA D 73 7.23 11.34 -9.04
CA ALA D 73 7.85 11.40 -7.73
C ALA D 73 7.28 10.28 -6.85
N TYR D 74 8.03 9.90 -5.81
CA TYR D 74 7.52 8.81 -4.97
C TYR D 74 8.33 8.74 -3.68
N LEU D 75 7.78 8.04 -2.70
CA LEU D 75 8.35 8.05 -1.36
C LEU D 75 9.27 6.86 -1.15
N CYS D 76 10.33 7.09 -0.39
CA CYS D 76 11.38 6.11 -0.17
C CYS D 76 11.73 6.07 1.31
N LYS D 78 14.76 5.11 4.31
CA LYS D 78 15.92 4.52 4.97
C LYS D 78 15.42 3.63 6.10
N ALA D 79 15.52 2.32 5.87
CA ALA D 79 15.01 1.22 6.67
C ALA D 79 15.94 0.94 7.87
N ALA D 80 15.54 -0.04 8.69
CA ALA D 80 16.27 -0.29 9.92
C ALA D 80 17.71 -0.76 9.66
N ASP D 81 17.91 -1.57 8.62
CA ASP D 81 19.22 -2.09 8.24
C ASP D 81 19.98 -1.15 7.30
N GLY D 82 19.55 0.09 7.16
CA GLY D 82 20.27 1.05 6.37
C GLY D 82 20.11 0.95 4.87
N THR D 83 19.33 -0.01 4.38
CA THR D 83 19.04 -0.02 2.96
C THR D 83 17.91 0.95 2.61
N ILE D 84 17.90 1.40 1.36
CA ILE D 84 16.90 2.33 0.86
C ILE D 84 15.84 1.55 0.12
N VAL D 85 14.64 1.55 0.67
CA VAL D 85 13.53 0.87 0.04
C VAL D 85 12.82 1.88 -0.80
N ASN D 86 12.84 1.70 -2.10
CA ASN D 86 12.10 2.58 -2.96
C ASN D 86 10.66 2.14 -2.94
N GLY D 87 9.74 3.06 -3.09
CA GLY D 87 8.33 2.72 -3.08
C GLY D 87 7.71 2.46 -1.74
N TRP D 88 7.97 3.31 -0.77
CA TRP D 88 7.43 3.15 0.54
C TRP D 88 5.94 3.21 0.59
N LEU D 89 5.37 2.36 1.39
CA LEU D 89 3.94 2.27 1.50
C LEU D 89 3.42 2.79 2.81
N ALA D 90 2.31 3.51 2.75
CA ALA D 90 1.72 3.99 3.97
C ALA D 90 0.68 3.05 4.45
N SER D 91 0.88 2.54 5.65
CA SER D 91 -0.06 1.65 6.27
C SER D 91 -1.24 2.42 6.78
N GLN D 92 -2.34 1.73 7.02
CA GLN D 92 -3.48 2.38 7.59
C GLN D 92 -3.06 3.12 8.87
N THR D 93 -2.22 2.51 9.69
CA THR D 93 -1.72 3.17 10.89
C THR D 93 -0.91 4.40 10.53
N ASP D 94 0.02 4.26 9.56
CA ASP D 94 0.80 5.43 9.16
C ASP D 94 -0.10 6.59 8.79
N LEU D 96 -3.29 7.25 9.60
CA LEU D 96 -4.19 7.80 10.61
C LEU D 96 -3.46 8.24 11.87
N ALA D 97 -2.15 8.04 11.96
CA ALA D 97 -1.45 8.42 13.18
C ALA D 97 -1.20 9.93 13.21
N ASN D 98 -0.97 10.43 14.41
CA ASN D 98 -0.56 11.83 14.60
C ASN D 98 0.75 11.90 15.38
N ASP D 99 1.64 10.93 15.17
CA ASP D 99 2.93 10.90 15.85
C ASP D 99 4.06 11.08 14.84
N TRP D 100 3.82 11.90 13.82
CA TRP D 100 4.84 12.19 12.82
C TRP D 100 5.76 13.31 13.30
N VAL D 101 7.03 13.19 12.97
CA VAL D 101 8.07 14.15 13.35
C VAL D 101 9.04 14.30 12.20
N ILE D 102 9.63 15.47 12.13
CA ILE D 102 10.69 15.77 11.17
C ILE D 102 12.03 15.25 11.72
N VAL D 103 12.83 14.63 10.85
CA VAL D 103 14.15 14.14 11.19
C VAL D 103 15.17 15.00 10.46
N GLU D 104 16.35 15.17 11.07
CA GLU D 104 17.44 15.92 10.41
C GLU D 104 18.64 15.03 10.03
#